data_6TZX
#
_entry.id   6TZX
#
_cell.length_a   56.650
_cell.length_b   58.345
_cell.length_c   72.321
_cell.angle_alpha   90.000
_cell.angle_beta   90.000
_cell.angle_gamma   90.000
#
_symmetry.space_group_name_H-M   'P 21 21 21'
#
loop_
_entity.id
_entity.type
_entity.pdbx_description
1 polymer 'tRNA ligase'
2 non-polymer "INOSINE-5'-DIPHOSPHATE"
3 non-polymer 'PHOSPHATE ION'
4 water water
#
_entity_poly.entity_id   1
_entity_poly.type   'polypeptide(L)'
_entity_poly.pdbx_seq_one_letter_code
;ANGNEGLSTTTKYIFVPIATIGCGKTTVFNTLNNLFPQWTHIQNNNISKKAKLKICDLTLLALEDDDQSVVLFDRNNSAS
RERRQIFTTIDQKRDEHLDDTVDLKYIAINFIPEDLSEEELWDITYNRVIQRGDNHQSIKSQLDENLVESVMKGFIQRYQ
PINTSRSPDDQFDHVIHLKLSKDENSLKSSLENVRIIIDDLVQNFPDLIKEKPADELINECFQKALDYKPTFVKN
;
_entity_poly.pdbx_strand_id   A
#
# COMPACT_ATOMS: atom_id res chain seq x y z
N SER A 8 -16.02 -17.89 16.64
CA SER A 8 -17.35 -17.33 16.39
C SER A 8 -17.31 -16.36 15.23
N THR A 9 -16.59 -15.26 15.39
CA THR A 9 -16.63 -14.14 14.47
C THR A 9 -15.24 -13.54 14.35
N THR A 10 -14.80 -13.28 13.12
CA THR A 10 -13.48 -12.74 12.87
C THR A 10 -13.58 -11.55 11.93
N THR A 11 -12.77 -10.53 12.19
CA THR A 11 -12.62 -9.40 11.28
C THR A 11 -11.23 -9.47 10.66
N LYS A 12 -11.19 -9.36 9.33
CA LYS A 12 -9.92 -9.30 8.61
C LYS A 12 -9.89 -8.05 7.75
N TYR A 13 -8.68 -7.67 7.34
CA TYR A 13 -8.44 -6.35 6.76
C TYR A 13 -7.66 -6.46 5.46
N ILE A 14 -8.02 -5.61 4.51
CA ILE A 14 -7.25 -5.40 3.29
C ILE A 14 -6.79 -3.95 3.32
N PHE A 15 -5.49 -3.74 3.39
CA PHE A 15 -4.89 -2.41 3.37
C PHE A 15 -4.67 -2.04 1.90
N VAL A 16 -5.37 -1.00 1.44
CA VAL A 16 -5.38 -0.61 0.03
C VAL A 16 -4.66 0.72 -0.11
N PRO A 17 -3.47 0.75 -0.70
CA PRO A 17 -2.80 2.04 -0.95
C PRO A 17 -3.46 2.81 -2.07
N ILE A 18 -3.36 4.13 -1.99
CA ILE A 18 -3.65 5.01 -3.11
C ILE A 18 -2.39 5.83 -3.31
N ALA A 19 -1.67 5.54 -4.41
CA ALA A 19 -0.34 6.08 -4.60
C ALA A 19 -0.02 6.12 -6.08
N THR A 20 0.97 6.91 -6.43
CA THR A 20 1.61 6.84 -7.73
C THR A 20 2.98 6.21 -7.51
N ILE A 21 3.81 6.16 -8.55
CA ILE A 21 5.12 5.52 -8.40
C ILE A 21 6.03 6.36 -7.50
N GLY A 22 6.74 5.69 -6.59
CA GLY A 22 7.75 6.36 -5.78
C GLY A 22 7.23 7.13 -4.60
N CYS A 23 5.98 6.90 -4.21
CA CYS A 23 5.42 7.55 -3.02
C CYS A 23 5.81 6.86 -1.72
N GLY A 24 6.51 5.74 -1.77
CA GLY A 24 6.86 5.02 -0.56
C GLY A 24 6.02 3.78 -0.30
N LYS A 25 5.10 3.43 -1.20
CA LYS A 25 4.16 2.34 -0.94
C LYS A 25 4.88 1.01 -0.66
N THR A 26 5.76 0.57 -1.55
CA THR A 26 6.43 -0.71 -1.34
C THR A 26 7.33 -0.66 -0.11
N THR A 27 7.98 0.48 0.13
CA THR A 27 8.88 0.62 1.29
C THR A 27 8.10 0.53 2.58
N VAL A 28 6.96 1.24 2.65
CA VAL A 28 6.12 1.21 3.85
C VAL A 28 5.56 -0.19 4.08
N PHE A 29 5.03 -0.83 3.03
CA PHE A 29 4.45 -2.16 3.22
C PHE A 29 5.51 -3.20 3.55
N ASN A 30 6.71 -3.09 2.95
CA ASN A 30 7.80 -3.98 3.34
C ASN A 30 8.18 -3.79 4.80
N THR A 31 8.19 -2.53 5.27
CA THR A 31 8.50 -2.27 6.69
C THR A 31 7.47 -2.93 7.59
N LEU A 32 6.18 -2.73 7.26
CA LEU A 32 5.12 -3.31 8.07
C LEU A 32 5.19 -4.83 8.07
N ASN A 33 5.48 -5.45 6.92
CA ASN A 33 5.59 -6.90 6.91
C ASN A 33 6.84 -7.37 7.67
N ASN A 34 7.92 -6.57 7.63
CA ASN A 34 9.10 -6.90 8.44
C ASN A 34 8.74 -6.94 9.92
N LEU A 35 7.89 -6.00 10.35
CA LEU A 35 7.46 -5.93 11.75
C LEU A 35 6.47 -7.01 12.10
N PHE A 36 5.55 -7.29 11.18
CA PHE A 36 4.39 -8.15 11.41
C PHE A 36 4.41 -9.19 10.29
N PRO A 37 5.19 -10.26 10.46
CA PRO A 37 5.32 -11.26 9.38
C PRO A 37 4.00 -11.93 9.01
N GLN A 38 3.02 -11.94 9.90
CA GLN A 38 1.74 -12.56 9.57
C GLN A 38 0.89 -11.69 8.67
N TRP A 39 1.25 -10.42 8.45
CA TRP A 39 0.53 -9.54 7.53
C TRP A 39 1.03 -9.77 6.13
N THR A 40 0.26 -10.53 5.35
CA THR A 40 0.71 -10.95 4.04
C THR A 40 0.89 -9.77 3.11
N HIS A 41 2.05 -9.67 2.49
CA HIS A 41 2.37 -8.60 1.56
C HIS A 41 2.30 -9.17 0.14
N ILE A 42 1.26 -8.80 -0.61
CA ILE A 42 1.04 -9.29 -1.96
C ILE A 42 1.38 -8.18 -2.93
N GLN A 43 2.39 -8.39 -3.76
CA GLN A 43 2.94 -7.34 -4.60
C GLN A 43 2.51 -7.57 -6.03
N ASN A 44 1.65 -6.68 -6.53
CA ASN A 44 1.22 -6.79 -7.91
C ASN A 44 2.40 -6.83 -8.87
N ASN A 45 3.48 -6.12 -8.51
CA ASN A 45 4.66 -6.03 -9.35
C ASN A 45 5.35 -7.37 -9.53
N ASN A 46 5.12 -8.32 -8.63
CA ASN A 46 5.76 -9.64 -8.70
C ASN A 46 4.86 -10.72 -9.28
N ILE A 47 3.66 -10.38 -9.74
CA ILE A 47 2.73 -11.36 -10.30
C ILE A 47 2.87 -11.35 -11.81
N SER A 48 3.15 -12.53 -12.39
CA SER A 48 3.21 -12.67 -13.84
C SER A 48 1.84 -12.41 -14.44
N LYS A 49 1.82 -11.87 -15.65
CA LYS A 49 0.50 -11.55 -16.17
C LYS A 49 -0.12 -12.71 -16.94
N LYS A 50 0.56 -13.84 -17.01
CA LYS A 50 -0.09 -15.11 -17.35
C LYS A 50 -0.52 -15.89 -16.11
N ALA A 51 -0.22 -15.39 -14.90
CA ALA A 51 -0.57 -16.13 -13.70
C ALA A 51 -2.07 -16.29 -13.60
N LYS A 52 -2.52 -17.47 -13.16
CA LYS A 52 -3.97 -17.59 -13.06
C LYS A 52 -4.49 -17.03 -11.74
N LEU A 53 -3.64 -16.98 -10.72
CA LEU A 53 -3.99 -16.31 -9.46
C LEU A 53 -3.50 -14.87 -9.53
N LYS A 54 -4.45 -13.93 -9.69
CA LYS A 54 -4.15 -12.51 -9.69
C LYS A 54 -4.19 -11.99 -8.27
N ILE A 55 -3.90 -10.69 -8.10
CA ILE A 55 -3.71 -10.15 -6.76
C ILE A 55 -4.97 -10.32 -5.92
N CYS A 56 -6.15 -10.20 -6.53
CA CYS A 56 -7.37 -10.37 -5.75
C CYS A 56 -7.59 -11.83 -5.32
N ASP A 57 -7.22 -12.77 -6.19
CA ASP A 57 -7.32 -14.19 -5.82
C ASP A 57 -6.35 -14.54 -4.69
N LEU A 58 -5.10 -14.07 -4.79
CA LEU A 58 -4.14 -14.35 -3.72
C LEU A 58 -4.57 -13.69 -2.41
N THR A 59 -5.20 -12.52 -2.49
CA THR A 59 -5.71 -11.85 -1.30
C THR A 59 -6.71 -12.73 -0.58
N LEU A 60 -7.68 -13.26 -1.32
CA LEU A 60 -8.69 -14.07 -0.66
C LEU A 60 -8.13 -15.41 -0.20
N LEU A 61 -7.20 -16.00 -0.95
CA LEU A 61 -6.55 -17.22 -0.45
C LEU A 61 -5.82 -16.96 0.86
N ALA A 62 -5.10 -15.84 0.95
CA ALA A 62 -4.43 -15.48 2.19
C ALA A 62 -5.41 -15.37 3.35
N LEU A 63 -6.55 -14.72 3.12
CA LEU A 63 -7.52 -14.50 4.19
C LEU A 63 -8.24 -15.78 4.60
N GLU A 64 -8.09 -16.87 3.84
CA GLU A 64 -8.65 -18.14 4.28
C GLU A 64 -7.89 -18.73 5.46
N ASP A 65 -6.62 -18.38 5.60
CA ASP A 65 -5.80 -18.93 6.67
C ASP A 65 -6.18 -18.29 8.00
N ASP A 66 -6.40 -19.12 9.01
CA ASP A 66 -6.78 -18.60 10.32
C ASP A 66 -5.72 -17.68 10.91
N ASP A 67 -4.46 -17.85 10.52
CA ASP A 67 -3.37 -17.04 11.08
C ASP A 67 -3.23 -15.69 10.41
N GLN A 68 -3.94 -15.44 9.31
CA GLN A 68 -3.86 -14.20 8.58
C GLN A 68 -5.02 -13.30 8.98
N SER A 69 -4.70 -12.07 9.35
CA SER A 69 -5.71 -11.06 9.61
C SER A 69 -5.61 -9.87 8.70
N VAL A 70 -4.48 -9.69 8.00
CA VAL A 70 -4.22 -8.49 7.21
C VAL A 70 -3.58 -8.89 5.89
N VAL A 71 -4.06 -8.32 4.80
CA VAL A 71 -3.36 -8.37 3.52
C VAL A 71 -2.93 -6.94 3.17
N LEU A 72 -1.64 -6.78 2.90
CA LEU A 72 -1.09 -5.53 2.39
C LEU A 72 -1.18 -5.65 0.86
N PHE A 73 -2.20 -5.00 0.29
CA PHE A 73 -2.55 -5.13 -1.12
C PHE A 73 -1.65 -4.16 -1.90
N ASP A 74 -0.49 -4.62 -2.34
CA ASP A 74 0.53 -3.67 -2.83
C ASP A 74 0.35 -3.43 -4.33
N ARG A 75 -0.42 -2.38 -4.65
CA ARG A 75 -0.67 -1.91 -6.00
C ARG A 75 -0.96 -0.41 -5.88
N ASN A 76 -0.68 0.36 -6.94
CA ASN A 76 -0.81 1.82 -6.84
C ASN A 76 -2.25 2.27 -6.62
N ASN A 77 -3.20 1.71 -7.38
CA ASN A 77 -4.60 2.12 -7.32
C ASN A 77 -4.78 3.64 -7.43
N SER A 78 -4.00 4.26 -8.30
CA SER A 78 -4.09 5.71 -8.44
C SER A 78 -5.41 6.14 -9.07
N ALA A 79 -6.00 5.30 -9.92
CA ALA A 79 -7.26 5.62 -10.56
C ALA A 79 -8.43 5.08 -9.73
N SER A 80 -9.53 5.83 -9.73
CA SER A 80 -10.71 5.37 -8.99
C SER A 80 -11.22 4.04 -9.52
N ARG A 81 -11.11 3.81 -10.84
CA ARG A 81 -11.52 2.52 -11.42
C ARG A 81 -10.74 1.36 -10.81
N GLU A 82 -9.48 1.60 -10.41
CA GLU A 82 -8.68 0.54 -9.79
C GLU A 82 -9.19 0.22 -8.39
N ARG A 83 -9.64 1.22 -7.65
CA ARG A 83 -10.27 0.94 -6.35
C ARG A 83 -11.59 0.22 -6.54
N ARG A 84 -12.40 0.67 -7.51
CA ARG A 84 -13.65 0.00 -7.83
C ARG A 84 -13.42 -1.48 -8.11
N GLN A 85 -12.36 -1.81 -8.85
CA GLN A 85 -12.07 -3.21 -9.17
C GLN A 85 -11.85 -4.04 -7.91
N ILE A 86 -11.15 -3.50 -6.92
CA ILE A 86 -10.87 -4.24 -5.70
C ILE A 86 -12.16 -4.55 -4.98
N PHE A 87 -12.98 -3.53 -4.73
CA PHE A 87 -14.23 -3.75 -4.00
C PHE A 87 -15.11 -4.74 -4.74
N THR A 88 -15.30 -4.51 -6.04
CA THR A 88 -16.20 -5.36 -6.83
C THR A 88 -15.71 -6.79 -6.86
N THR A 89 -14.42 -7.00 -7.12
CA THR A 89 -13.88 -8.35 -7.29
C THR A 89 -13.88 -9.11 -5.96
N ILE A 90 -13.42 -8.45 -4.90
CA ILE A 90 -13.38 -9.10 -3.58
C ILE A 90 -14.80 -9.42 -3.11
N ASP A 91 -15.71 -8.46 -3.23
CA ASP A 91 -17.10 -8.70 -2.84
C ASP A 91 -17.70 -9.87 -3.62
N GLN A 92 -17.44 -9.93 -4.94
CA GLN A 92 -18.00 -11.00 -5.77
C GLN A 92 -17.40 -12.35 -5.44
N LYS A 93 -16.11 -12.40 -5.14
CA LYS A 93 -15.40 -13.65 -5.03
C LYS A 93 -15.23 -14.15 -3.61
N ARG A 94 -15.56 -13.34 -2.61
CA ARG A 94 -15.23 -13.76 -1.25
C ARG A 94 -15.96 -15.02 -0.83
N ASP A 95 -17.18 -15.24 -1.33
CA ASP A 95 -17.94 -16.44 -0.99
C ASP A 95 -17.30 -17.72 -1.51
N GLU A 96 -16.46 -17.63 -2.54
CA GLU A 96 -15.69 -18.78 -2.98
C GLU A 96 -14.73 -19.25 -1.90
N HIS A 97 -14.35 -18.36 -0.99
CA HIS A 97 -13.21 -18.55 -0.11
C HIS A 97 -13.54 -18.51 1.36
N LEU A 98 -14.43 -17.61 1.77
CA LEU A 98 -14.63 -17.32 3.18
C LEU A 98 -16.05 -17.68 3.61
N ASP A 99 -16.17 -18.18 4.84
CA ASP A 99 -17.51 -18.40 5.37
C ASP A 99 -18.08 -17.10 5.94
N ASP A 100 -19.34 -17.15 6.35
CA ASP A 100 -20.07 -15.94 6.72
C ASP A 100 -19.71 -15.42 8.11
N THR A 101 -18.79 -16.07 8.82
CA THR A 101 -18.35 -15.54 10.10
C THR A 101 -17.21 -14.56 9.96
N VAL A 102 -16.67 -14.40 8.76
CA VAL A 102 -15.53 -13.51 8.52
C VAL A 102 -16.06 -12.20 7.95
N ASP A 103 -15.72 -11.09 8.62
CA ASP A 103 -16.08 -9.74 8.20
C ASP A 103 -14.83 -9.10 7.62
N LEU A 104 -14.92 -8.60 6.39
CA LEU A 104 -13.80 -7.94 5.73
C LEU A 104 -13.93 -6.43 5.86
N LYS A 105 -12.86 -5.79 6.27
CA LYS A 105 -12.78 -4.34 6.30
C LYS A 105 -11.69 -3.87 5.34
N TYR A 106 -11.97 -2.79 4.61
CA TYR A 106 -11.03 -2.19 3.67
C TYR A 106 -10.48 -0.92 4.31
N ILE A 107 -9.15 -0.85 4.43
CA ILE A 107 -8.47 0.30 5.03
C ILE A 107 -7.69 0.99 3.92
N ALA A 108 -8.08 2.22 3.58
CA ALA A 108 -7.33 2.98 2.60
C ALA A 108 -6.08 3.58 3.26
N ILE A 109 -4.94 3.44 2.60
CA ILE A 109 -3.69 4.05 3.04
C ILE A 109 -3.38 5.13 2.00
N ASN A 110 -3.62 6.39 2.33
CA ASN A 110 -3.55 7.46 1.34
C ASN A 110 -2.16 8.07 1.34
N PHE A 111 -1.43 7.86 0.25
CA PHE A 111 -0.04 8.29 0.15
C PHE A 111 0.15 9.71 -0.39
N ILE A 112 -0.85 10.31 -0.99
CA ILE A 112 -0.72 11.63 -1.60
C ILE A 112 -1.63 12.60 -0.85
N PRO A 113 -1.06 13.45 0.00
CA PRO A 113 -1.89 14.40 0.77
C PRO A 113 -2.66 15.36 -0.13
N GLU A 114 -3.86 15.77 0.32
CA GLU A 114 -4.68 16.70 -0.45
C GLU A 114 -3.95 18.01 -0.68
N ASP A 115 -3.08 18.37 0.24
CA ASP A 115 -2.40 19.66 0.24
C ASP A 115 -1.11 19.64 -0.57
N LEU A 116 -0.78 18.51 -1.18
CA LEU A 116 0.48 18.40 -1.93
C LEU A 116 0.24 18.81 -3.37
N SER A 117 1.02 19.76 -3.86
CA SER A 117 0.90 20.18 -5.24
C SER A 117 1.40 19.09 -6.17
N GLU A 118 0.88 19.09 -7.40
CA GLU A 118 1.37 18.15 -8.40
C GLU A 118 2.85 18.38 -8.69
N GLU A 119 3.29 19.64 -8.66
CA GLU A 119 4.70 19.95 -8.90
C GLU A 119 5.57 19.31 -7.83
N GLU A 120 5.16 19.38 -6.57
CA GLU A 120 5.98 18.80 -5.51
C GLU A 120 5.83 17.29 -5.46
N LEU A 121 4.65 16.76 -5.81
CA LEU A 121 4.53 15.30 -5.96
C LEU A 121 5.54 14.79 -6.97
N TRP A 122 5.63 15.46 -8.13
CA TRP A 122 6.62 15.08 -9.13
C TRP A 122 8.03 15.24 -8.60
N ASP A 123 8.31 16.39 -7.98
CA ASP A 123 9.66 16.65 -7.49
C ASP A 123 10.12 15.57 -6.53
N ILE A 124 9.27 15.21 -5.56
CA ILE A 124 9.67 14.20 -4.58
C ILE A 124 9.83 12.85 -5.27
N THR A 125 8.82 12.42 -6.02
CA THR A 125 8.79 11.03 -6.46
C THR A 125 9.75 10.76 -7.61
N TYR A 126 9.79 11.65 -8.61
CA TYR A 126 10.70 11.42 -9.73
C TYR A 126 12.15 11.38 -9.25
N ASN A 127 12.53 12.28 -8.34
CA ASN A 127 13.91 12.30 -7.90
C ASN A 127 14.24 11.13 -7.00
N ARG A 128 13.25 10.62 -6.25
CA ARG A 128 13.47 9.37 -5.52
C ARG A 128 13.75 8.23 -6.48
N VAL A 129 12.94 8.11 -7.54
CA VAL A 129 13.08 6.98 -8.45
C VAL A 129 14.42 7.04 -9.16
N ILE A 130 14.83 8.21 -9.64
CA ILE A 130 16.09 8.27 -10.38
C ILE A 130 17.29 8.15 -9.43
N GLN A 131 17.19 8.72 -8.22
CA GLN A 131 18.35 8.73 -7.33
C GLN A 131 18.51 7.41 -6.56
N ARG A 132 17.40 6.77 -6.19
CA ARG A 132 17.44 5.60 -5.32
C ARG A 132 16.95 4.32 -5.97
N GLY A 133 16.27 4.39 -7.11
CA GLY A 133 15.78 3.20 -7.78
C GLY A 133 14.34 2.89 -7.45
N ASP A 134 13.71 2.13 -8.34
CA ASP A 134 12.34 1.66 -8.15
C ASP A 134 12.20 0.36 -8.92
N ASN A 135 11.55 -0.63 -8.31
CA ASN A 135 11.48 -1.95 -8.90
C ASN A 135 10.19 -2.19 -9.67
N HIS A 136 9.38 -1.16 -9.88
CA HIS A 136 8.28 -1.28 -10.82
C HIS A 136 8.81 -1.81 -12.15
N GLN A 137 8.25 -2.94 -12.60
CA GLN A 137 8.94 -3.75 -13.61
C GLN A 137 9.23 -2.96 -14.88
N SER A 138 8.28 -2.14 -15.32
CA SER A 138 8.48 -1.44 -16.59
C SER A 138 9.60 -0.41 -16.52
N ILE A 139 10.04 -0.04 -15.32
CA ILE A 139 11.04 1.02 -15.17
C ILE A 139 12.21 0.57 -14.31
N LYS A 140 12.25 -0.72 -13.93
CA LYS A 140 13.29 -1.19 -13.03
C LYS A 140 14.68 -1.05 -13.63
N SER A 141 14.79 -1.16 -14.96
CA SER A 141 16.10 -1.05 -15.61
C SER A 141 16.60 0.40 -15.63
N GLN A 142 15.70 1.36 -15.89
CA GLN A 142 16.06 2.77 -16.04
C GLN A 142 17.16 2.98 -17.07
N LEU A 143 17.21 2.14 -18.10
CA LEU A 143 18.12 2.37 -19.21
C LEU A 143 17.61 3.44 -20.17
N ASP A 144 16.38 3.92 -19.97
CA ASP A 144 15.81 5.01 -20.75
C ASP A 144 15.09 5.93 -19.75
N GLU A 145 15.78 6.98 -19.31
CA GLU A 145 15.18 7.93 -18.38
C GLU A 145 13.92 8.57 -18.95
N ASN A 146 13.80 8.63 -20.29
CA ASN A 146 12.57 9.11 -20.91
C ASN A 146 11.42 8.14 -20.67
N LEU A 147 11.71 6.84 -20.65
CA LEU A 147 10.67 5.85 -20.38
C LEU A 147 10.20 5.92 -18.95
N VAL A 148 11.13 6.13 -18.01
CA VAL A 148 10.77 6.28 -16.60
C VAL A 148 9.85 7.47 -16.41
N GLU A 149 10.23 8.61 -16.99
CA GLU A 149 9.39 9.80 -16.89
C GLU A 149 8.02 9.54 -17.49
N SER A 150 7.98 8.86 -18.64
CA SER A 150 6.72 8.63 -19.33
C SER A 150 5.80 7.71 -18.54
N VAL A 151 6.35 6.65 -17.96
CA VAL A 151 5.53 5.75 -17.16
C VAL A 151 5.05 6.44 -15.90
N MET A 152 5.93 7.19 -15.23
CA MET A 152 5.52 7.87 -13.99
C MET A 152 4.45 8.91 -14.26
N LYS A 153 4.58 9.62 -15.38
CA LYS A 153 3.56 10.59 -15.78
C LYS A 153 2.22 9.92 -16.06
N GLY A 154 2.24 8.68 -16.56
CA GLY A 154 1.00 7.98 -16.82
C GLY A 154 0.20 7.76 -15.55
N PHE A 155 0.88 7.29 -14.50
CA PHE A 155 0.20 7.08 -13.22
C PHE A 155 -0.30 8.38 -12.63
N ILE A 156 0.46 9.46 -12.78
CA ILE A 156 0.01 10.74 -12.25
C ILE A 156 -1.16 11.28 -13.06
N GLN A 157 -1.14 11.09 -14.39
CA GLN A 157 -2.27 11.53 -15.21
C GLN A 157 -3.55 10.82 -14.83
N ARG A 158 -3.45 9.53 -14.47
CA ARG A 158 -4.60 8.72 -14.11
C ARG A 158 -5.03 8.91 -12.66
N TYR A 159 -4.21 9.59 -11.86
CA TYR A 159 -4.46 9.70 -10.43
C TYR A 159 -5.74 10.48 -10.14
N GLN A 160 -6.59 9.88 -9.32
CA GLN A 160 -7.84 10.50 -8.89
C GLN A 160 -7.84 10.43 -7.36
N PRO A 161 -7.82 11.56 -6.68
CA PRO A 161 -7.69 11.54 -5.22
C PRO A 161 -8.84 10.79 -4.57
N ILE A 162 -8.55 10.21 -3.41
CA ILE A 162 -9.59 9.51 -2.65
C ILE A 162 -10.74 10.47 -2.36
N ASN A 163 -11.98 9.96 -2.49
CA ASN A 163 -13.16 10.76 -2.20
C ASN A 163 -14.20 9.82 -1.58
N THR A 164 -14.23 9.76 -0.25
CA THR A 164 -15.13 8.84 0.43
C THR A 164 -16.58 9.33 0.47
N SER A 165 -16.87 10.51 -0.07
CA SER A 165 -18.24 10.98 -0.18
C SER A 165 -18.97 10.42 -1.40
N ARG A 166 -18.38 9.48 -2.11
CA ARG A 166 -18.96 8.99 -3.36
C ARG A 166 -18.34 7.64 -3.71
N SER A 167 -18.99 6.94 -4.64
CA SER A 167 -18.47 5.66 -5.13
C SER A 167 -17.20 5.90 -5.96
N PRO A 168 -16.20 5.01 -5.88
CA PRO A 168 -16.16 3.77 -5.09
C PRO A 168 -15.57 3.93 -3.69
N ASP A 169 -14.92 5.06 -3.42
CA ASP A 169 -14.14 5.20 -2.20
C ASP A 169 -15.01 5.23 -0.95
N ASP A 170 -16.32 5.49 -1.08
CA ASP A 170 -17.18 5.43 0.09
C ASP A 170 -17.26 4.03 0.68
N GLN A 171 -16.75 3.01 -0.02
CA GLN A 171 -16.75 1.66 0.51
C GLN A 171 -15.61 1.39 1.49
N PHE A 172 -14.64 2.28 1.60
CA PHE A 172 -13.62 2.08 2.61
C PHE A 172 -14.24 2.19 4.00
N ASP A 173 -13.72 1.37 4.91
CA ASP A 173 -14.17 1.40 6.30
C ASP A 173 -13.38 2.38 7.14
N HIS A 174 -12.19 2.76 6.70
CA HIS A 174 -11.27 3.61 7.44
C HIS A 174 -10.24 4.13 6.45
N VAL A 175 -9.75 5.34 6.69
CA VAL A 175 -8.69 5.92 5.86
C VAL A 175 -7.56 6.36 6.78
N ILE A 176 -6.32 5.97 6.43
CA ILE A 176 -5.14 6.47 7.12
C ILE A 176 -4.45 7.48 6.21
N HIS A 177 -4.27 8.69 6.69
CA HIS A 177 -3.71 9.78 5.90
C HIS A 177 -2.22 9.90 6.16
N LEU A 178 -1.42 9.66 5.13
CA LEU A 178 0.03 9.71 5.21
C LEU A 178 0.54 11.08 4.80
N LYS A 179 1.82 11.29 5.05
CA LYS A 179 2.51 12.50 4.65
C LYS A 179 3.43 12.17 3.48
N LEU A 180 3.82 13.21 2.74
CA LEU A 180 4.78 13.02 1.66
C LEU A 180 5.60 14.30 1.53
N SER A 181 6.90 14.18 1.79
CA SER A 181 7.75 15.35 1.82
C SER A 181 9.16 14.97 1.37
N LYS A 182 9.88 15.99 0.90
CA LYS A 182 11.28 15.83 0.55
C LYS A 182 12.11 15.48 1.78
N ASP A 183 13.08 14.58 1.61
CA ASP A 183 14.01 14.27 2.68
C ASP A 183 14.72 15.53 3.14
N GLU A 184 14.71 15.76 4.44
CA GLU A 184 15.41 16.89 5.06
C GLU A 184 16.12 16.36 6.30
N ASN A 185 17.43 16.42 6.30
CA ASN A 185 18.27 15.89 7.40
C ASN A 185 17.93 14.40 7.56
N SER A 186 17.77 13.92 8.79
CA SER A 186 17.49 12.51 9.02
C SER A 186 16.04 12.14 8.75
N LEU A 187 15.18 13.11 8.49
CA LEU A 187 13.75 12.84 8.38
C LEU A 187 13.41 12.22 7.03
N LYS A 188 12.67 11.12 7.05
CA LYS A 188 12.19 10.46 5.85
C LYS A 188 10.71 10.20 6.02
N SER A 189 9.90 10.69 5.07
CA SER A 189 8.45 10.59 5.28
C SER A 189 7.98 9.15 5.32
N SER A 190 8.70 8.21 4.69
CA SER A 190 8.22 6.84 4.72
C SER A 190 8.32 6.27 6.14
N LEU A 191 9.37 6.61 6.91
CA LEU A 191 9.44 6.17 8.30
C LEU A 191 8.38 6.88 9.14
N GLU A 192 8.19 8.20 8.91
CA GLU A 192 7.08 8.89 9.56
C GLU A 192 5.76 8.19 9.30
N ASN A 193 5.56 7.74 8.06
CA ASN A 193 4.29 7.12 7.68
C ASN A 193 4.09 5.76 8.32
N VAL A 194 5.17 4.97 8.44
CA VAL A 194 5.08 3.72 9.18
C VAL A 194 4.57 4.00 10.59
N ARG A 195 5.15 5.01 11.25
CA ARG A 195 4.72 5.36 12.60
C ARG A 195 3.28 5.85 12.62
N ILE A 196 2.86 6.63 11.60
CA ILE A 196 1.47 7.07 11.52
C ILE A 196 0.55 5.87 11.46
N ILE A 197 0.88 4.90 10.60
CA ILE A 197 0.04 3.71 10.47
C ILE A 197 -0.01 2.94 11.78
N ILE A 198 1.15 2.66 12.37
CA ILE A 198 1.19 1.92 13.63
C ILE A 198 0.37 2.63 14.71
N ASP A 199 0.56 3.95 14.86
CA ASP A 199 -0.17 4.69 15.88
C ASP A 199 -1.67 4.65 15.63
N ASP A 200 -2.08 4.77 14.36
CA ASP A 200 -3.50 4.74 14.04
C ASP A 200 -4.11 3.39 14.38
N LEU A 201 -3.39 2.30 14.08
CA LEU A 201 -3.92 0.97 14.38
C LEU A 201 -3.89 0.68 15.87
N VAL A 202 -2.82 1.10 16.57
CA VAL A 202 -2.78 0.92 18.02
C VAL A 202 -4.01 1.54 18.68
N GLN A 203 -4.42 2.72 18.19
CA GLN A 203 -5.55 3.42 18.78
C GLN A 203 -6.88 2.82 18.33
N ASN A 204 -7.03 2.58 17.03
CA ASN A 204 -8.34 2.27 16.47
C ASN A 204 -8.58 0.78 16.23
N PHE A 205 -7.52 -0.02 16.12
CA PHE A 205 -7.64 -1.46 15.82
C PHE A 205 -6.67 -2.23 16.73
N PRO A 206 -6.92 -2.21 18.05
CA PRO A 206 -6.01 -2.91 18.97
C PRO A 206 -5.97 -4.42 18.76
N ASP A 207 -6.91 -4.99 18.01
CA ASP A 207 -6.82 -6.39 17.63
C ASP A 207 -5.64 -6.66 16.71
N LEU A 208 -5.17 -5.65 16.00
CA LEU A 208 -4.05 -5.80 15.07
C LEU A 208 -2.70 -5.46 15.70
N ILE A 209 -2.63 -4.43 16.53
CA ILE A 209 -1.42 -4.10 17.28
C ILE A 209 -1.84 -3.87 18.72
N LYS A 210 -1.65 -4.89 19.56
CA LYS A 210 -2.01 -4.75 20.97
C LYS A 210 -1.03 -3.84 21.70
N GLU A 211 0.24 -3.86 21.30
CA GLU A 211 1.26 -3.05 21.94
C GLU A 211 2.25 -2.56 20.90
N LYS A 212 2.52 -1.25 20.90
CA LYS A 212 3.41 -0.67 19.91
C LYS A 212 4.79 -1.33 20.00
N PRO A 213 5.35 -1.80 18.89
CA PRO A 213 6.70 -2.36 18.92
C PRO A 213 7.73 -1.33 19.36
N ALA A 214 8.85 -1.83 19.88
CA ALA A 214 9.93 -0.93 20.28
C ALA A 214 10.39 -0.08 19.10
N ASP A 215 10.74 1.17 19.38
CA ASP A 215 11.16 2.07 18.31
C ASP A 215 12.43 1.58 17.62
N GLU A 216 13.34 0.93 18.36
CA GLU A 216 14.54 0.36 17.73
C GLU A 216 14.16 -0.64 16.65
N LEU A 217 13.11 -1.42 16.90
CA LEU A 217 12.69 -2.44 15.94
C LEU A 217 11.96 -1.84 14.74
N ILE A 218 11.08 -0.87 14.99
CA ILE A 218 10.43 -0.17 13.88
C ILE A 218 11.47 0.44 12.96
N ASN A 219 12.42 1.17 13.54
CA ASN A 219 13.46 1.83 12.73
C ASN A 219 14.31 0.82 11.97
N GLU A 220 14.62 -0.31 12.61
CA GLU A 220 15.43 -1.33 11.93
C GLU A 220 14.66 -1.99 10.81
N CYS A 221 13.37 -2.25 11.02
CA CYS A 221 12.57 -2.83 9.96
C CYS A 221 12.44 -1.87 8.79
N PHE A 222 12.39 -0.56 9.07
CA PHE A 222 12.39 0.45 8.01
C PHE A 222 13.73 0.47 7.28
N GLN A 223 14.85 0.44 8.03
CA GLN A 223 16.16 0.43 7.37
C GLN A 223 16.28 -0.76 6.40
N LYS A 224 15.82 -1.93 6.81
CA LYS A 224 15.88 -3.09 5.94
C LYS A 224 15.05 -2.86 4.69
N ALA A 225 13.85 -2.28 4.84
CA ALA A 225 13.00 -2.03 3.69
C ALA A 225 13.60 -0.98 2.77
N LEU A 226 14.17 0.09 3.35
CA LEU A 226 14.80 1.13 2.56
C LEU A 226 15.96 0.59 1.75
N ASP A 227 16.74 -0.34 2.32
CA ASP A 227 17.92 -0.90 1.67
C ASP A 227 17.59 -2.07 0.76
N TYR A 228 16.34 -2.51 0.71
CA TYR A 228 16.00 -3.77 0.07
C TYR A 228 16.11 -3.67 -1.44
N LYS A 229 16.91 -4.57 -2.02
CA LYS A 229 16.91 -4.87 -3.44
C LYS A 229 16.51 -6.32 -3.66
N PRO A 230 15.54 -6.57 -4.56
CA PRO A 230 15.07 -7.90 -4.96
C PRO A 230 15.82 -8.42 -6.17
#